data_6HCI
#
_entry.id   6HCI
#
_cell.length_a   106.061
_cell.length_b   106.061
_cell.length_c   75.481
_cell.angle_alpha   90.00
_cell.angle_beta   90.00
_cell.angle_gamma   120.00
#
_symmetry.space_group_name_H-M   'P 32 2 1'
#
loop_
_entity.id
_entity.type
_entity.pdbx_description
1 polymer Titin
2 non-polymer 'SULFATE ION'
3 water water
#
_entity_poly.entity_id   1
_entity_poly.type   'polypeptide(L)'
_entity_poly.pdbx_seq_one_letter_code
;HPPPTDSTLRPMFKRLLANAECQEGQSVCFEIRVSGIPPPTLKWEKDGQPLSLGPNIEIIHEGLDYYALHIRDTLPEDTG
YYRVTATNTAGSTSCQAHLQVERLR
;
_entity_poly.pdbx_strand_id   A,B,C,D
#
# COMPACT_ATOMS: atom_id res chain seq x y z
N THR A 8 -15.55 -31.62 -9.31
CA THR A 8 -15.37 -31.64 -7.86
C THR A 8 -13.96 -32.11 -7.47
N LEU A 9 -13.22 -31.23 -6.79
CA LEU A 9 -11.82 -31.48 -6.46
C LEU A 9 -11.53 -31.04 -5.04
N ARG A 10 -10.96 -31.95 -4.25
CA ARG A 10 -10.58 -31.63 -2.88
C ARG A 10 -9.56 -30.48 -2.88
N PRO A 11 -9.57 -29.64 -1.86
CA PRO A 11 -8.63 -28.51 -1.82
C PRO A 11 -7.21 -29.02 -1.65
N MET A 12 -6.28 -28.44 -2.40
CA MET A 12 -4.87 -28.81 -2.32
C MET A 12 -4.02 -27.56 -2.31
N PHE A 13 -3.00 -27.52 -1.44
CA PHE A 13 -2.07 -26.41 -1.44
C PHE A 13 -1.12 -26.53 -2.62
N LYS A 14 -1.02 -25.47 -3.41
CA LYS A 14 0.01 -25.35 -4.42
C LYS A 14 1.25 -24.67 -3.87
N ARG A 15 1.07 -23.86 -2.82
CA ARG A 15 2.16 -23.19 -2.12
C ARG A 15 1.79 -23.15 -0.65
N LEU A 16 2.66 -23.68 0.21
CA LEU A 16 2.40 -23.75 1.64
C LEU A 16 2.93 -22.52 2.35
N LEU A 17 2.39 -22.29 3.54
CA LEU A 17 2.97 -21.30 4.45
C LEU A 17 4.42 -21.64 4.74
N ALA A 18 5.25 -20.60 4.86
CA ALA A 18 6.64 -20.78 5.26
C ALA A 18 6.90 -19.97 6.52
N ASN A 19 7.77 -20.51 7.38
CA ASN A 19 8.20 -19.76 8.55
C ASN A 19 8.76 -18.40 8.15
N ALA A 20 8.63 -17.43 9.05
CA ALA A 20 9.21 -16.11 8.81
C ALA A 20 9.63 -15.50 10.12
N GLU A 21 10.50 -14.50 10.03
CA GLU A 21 10.82 -13.64 11.15
C GLU A 21 10.86 -12.20 10.66
N CYS A 22 10.51 -11.30 11.57
CA CYS A 22 10.70 -9.88 11.34
C CYS A 22 11.06 -9.22 12.66
N GLN A 23 11.52 -7.97 12.56
CA GLN A 23 11.76 -7.14 13.72
C GLN A 23 10.47 -6.44 14.13
N GLU A 24 10.27 -6.28 15.43
CA GLU A 24 9.07 -5.60 15.90
C GLU A 24 9.04 -4.19 15.32
N GLY A 25 7.84 -3.75 14.92
CA GLY A 25 7.67 -2.50 14.22
C GLY A 25 7.73 -2.60 12.72
N GLN A 26 8.29 -3.68 12.19
CA GLN A 26 8.37 -3.90 10.76
C GLN A 26 7.17 -4.72 10.29
N SER A 27 7.07 -4.90 8.98
CA SER A 27 6.01 -5.69 8.38
C SER A 27 6.53 -7.07 8.01
N VAL A 28 5.59 -8.01 7.87
CA VAL A 28 5.92 -9.36 7.44
C VAL A 28 4.73 -9.90 6.66
N CYS A 29 5.02 -10.73 5.67
CA CYS A 29 4.02 -11.28 4.77
C CYS A 29 4.16 -12.80 4.72
N PHE A 30 3.02 -13.50 4.86
CA PHE A 30 2.88 -14.93 4.62
C PHE A 30 2.00 -15.13 3.39
N GLU A 31 2.23 -16.22 2.66
CA GLU A 31 1.53 -16.44 1.40
C GLU A 31 1.25 -17.92 1.20
N ILE A 32 0.09 -18.21 0.59
CA ILE A 32 -0.27 -19.55 0.17
C ILE A 32 -0.94 -19.48 -1.20
N ARG A 33 -1.04 -20.63 -1.83
CA ARG A 33 -1.90 -20.85 -2.98
C ARG A 33 -2.66 -22.14 -2.75
N VAL A 34 -3.97 -22.11 -2.91
CA VAL A 34 -4.81 -23.27 -2.63
C VAL A 34 -5.90 -23.35 -3.70
N SER A 35 -6.04 -24.53 -4.28
CA SER A 35 -6.98 -24.78 -5.37
C SER A 35 -8.03 -25.79 -4.93
N GLY A 36 -9.17 -25.77 -5.62
CA GLY A 36 -10.24 -26.71 -5.33
C GLY A 36 -11.54 -26.40 -6.04
N ILE A 37 -12.32 -27.43 -6.36
CA ILE A 37 -13.63 -27.26 -6.98
C ILE A 37 -14.68 -27.85 -6.05
N PRO A 38 -15.60 -27.03 -5.50
CA PRO A 38 -15.68 -25.57 -5.63
C PRO A 38 -14.54 -24.85 -4.91
N PRO A 39 -14.36 -23.55 -5.19
CA PRO A 39 -13.29 -22.78 -4.53
C PRO A 39 -13.41 -22.87 -3.01
N PRO A 40 -12.39 -23.35 -2.33
CA PRO A 40 -12.52 -23.60 -0.89
C PRO A 40 -12.60 -22.32 -0.09
N THR A 41 -13.29 -22.41 1.05
CA THR A 41 -13.30 -21.34 2.04
C THR A 41 -12.19 -21.57 3.06
N LEU A 42 -11.69 -20.49 3.62
CA LEU A 42 -10.50 -20.50 4.45
C LEU A 42 -10.84 -20.10 5.89
N LYS A 43 -10.12 -20.72 6.83
CA LYS A 43 -10.20 -20.38 8.24
C LYS A 43 -8.78 -20.23 8.76
N TRP A 44 -8.48 -19.08 9.37
CA TRP A 44 -7.14 -18.76 9.85
C TRP A 44 -7.10 -18.82 11.37
N GLU A 45 -6.01 -19.36 11.92
CA GLU A 45 -5.88 -19.54 13.36
C GLU A 45 -4.51 -19.07 13.80
N LYS A 46 -4.42 -18.64 15.06
CA LYS A 46 -3.14 -18.36 15.70
C LYS A 46 -3.07 -19.14 16.99
N ASP A 47 -2.04 -19.97 17.13
CA ASP A 47 -1.88 -20.85 18.29
C ASP A 47 -3.15 -21.66 18.53
N GLY A 48 -3.76 -22.14 17.45
CA GLY A 48 -4.95 -22.97 17.54
C GLY A 48 -6.25 -22.25 17.84
N GLN A 49 -6.24 -20.93 17.99
CA GLN A 49 -7.45 -20.17 18.22
C GLN A 49 -7.77 -19.29 17.01
N PRO A 50 -9.05 -19.03 16.72
CA PRO A 50 -9.40 -18.23 15.54
C PRO A 50 -8.66 -16.92 15.51
N LEU A 51 -8.10 -16.61 14.34
CA LEU A 51 -7.28 -15.42 14.17
C LEU A 51 -8.15 -14.16 14.25
N SER A 52 -7.75 -13.24 15.11
CA SER A 52 -8.34 -11.90 15.19
C SER A 52 -7.47 -10.96 14.39
N LEU A 53 -8.07 -10.25 13.44
CA LEU A 53 -7.28 -9.42 12.54
C LEU A 53 -6.84 -8.13 13.21
N GLY A 54 -7.69 -7.54 14.04
CA GLY A 54 -7.35 -6.30 14.70
C GLY A 54 -7.07 -5.18 13.72
N PRO A 55 -6.25 -4.22 14.12
CA PRO A 55 -6.03 -3.06 13.27
C PRO A 55 -4.86 -3.23 12.30
N ASN A 56 -3.94 -4.16 12.60
CA ASN A 56 -2.69 -4.27 11.86
C ASN A 56 -2.57 -5.52 10.99
N ILE A 57 -3.54 -6.42 11.01
CA ILE A 57 -3.47 -7.65 10.24
C ILE A 57 -4.54 -7.61 9.16
N GLU A 58 -4.18 -8.06 7.95
CA GLU A 58 -5.14 -8.14 6.86
C GLU A 58 -4.91 -9.41 6.06
N ILE A 59 -5.99 -9.94 5.49
N ILE A 59 -5.99 -9.92 5.46
CA ILE A 59 -5.96 -11.07 4.58
CA ILE A 59 -5.95 -11.08 4.58
C ILE A 59 -6.24 -10.55 3.18
C ILE A 59 -6.27 -10.61 3.17
N ILE A 60 -5.40 -10.94 2.22
CA ILE A 60 -5.53 -10.49 0.85
C ILE A 60 -5.74 -11.69 -0.06
N HIS A 61 -6.73 -11.60 -0.93
CA HIS A 61 -7.02 -12.59 -1.95
C HIS A 61 -6.68 -11.98 -3.29
N GLU A 62 -5.78 -12.63 -4.04
CA GLU A 62 -5.47 -12.23 -5.40
C GLU A 62 -5.55 -13.44 -6.32
N GLY A 63 -5.60 -13.18 -7.62
CA GLY A 63 -5.62 -14.24 -8.61
C GLY A 63 -6.68 -15.27 -8.33
N LEU A 64 -6.42 -16.49 -8.80
CA LEU A 64 -7.38 -17.57 -8.62
C LEU A 64 -7.23 -18.27 -7.27
N ASP A 65 -6.00 -18.56 -6.86
CA ASP A 65 -5.75 -19.35 -5.67
C ASP A 65 -4.84 -18.68 -4.66
N TYR A 66 -4.47 -17.41 -4.87
CA TYR A 66 -3.45 -16.76 -4.07
C TYR A 66 -4.07 -15.99 -2.91
N TYR A 67 -3.55 -16.25 -1.71
CA TYR A 67 -3.92 -15.55 -0.49
C TYR A 67 -2.66 -15.10 0.22
N ALA A 68 -2.72 -13.92 0.83
CA ALA A 68 -1.59 -13.41 1.60
C ALA A 68 -2.07 -12.94 2.96
N LEU A 69 -1.23 -13.17 3.98
N LEU A 69 -1.27 -13.21 3.99
CA LEU A 69 -1.46 -12.72 5.34
CA LEU A 69 -1.48 -12.70 5.33
C LEU A 69 -0.40 -11.67 5.66
C LEU A 69 -0.40 -11.66 5.59
N HIS A 70 -0.82 -10.42 5.79
CA HIS A 70 0.08 -9.29 5.97
C HIS A 70 -0.09 -8.71 7.36
N ILE A 71 1.03 -8.53 8.06
CA ILE A 71 1.04 -7.84 9.35
C ILE A 71 1.95 -6.63 9.22
N ARG A 72 1.44 -5.46 9.60
CA ARG A 72 2.26 -4.27 9.72
C ARG A 72 2.35 -3.88 11.20
N ASP A 73 3.36 -3.06 11.52
CA ASP A 73 3.62 -2.66 12.90
C ASP A 73 3.64 -3.87 13.83
N THR A 74 4.37 -4.91 13.43
N THR A 74 4.38 -4.89 13.44
CA THR A 74 4.37 -6.16 14.19
CA THR A 74 4.34 -6.17 14.16
C THR A 74 4.80 -5.91 15.63
C THR A 74 4.86 -5.99 15.60
N LEU A 75 4.17 -6.64 16.54
CA LEU A 75 4.47 -6.58 17.96
C LEU A 75 4.97 -7.93 18.44
N PRO A 76 5.76 -7.96 19.53
CA PRO A 76 6.15 -9.26 20.11
C PRO A 76 4.98 -10.22 20.27
N GLU A 77 3.82 -9.72 20.65
CA GLU A 77 2.62 -10.54 20.85
C GLU A 77 2.20 -11.27 19.57
N ASP A 78 2.61 -10.80 18.39
CA ASP A 78 2.25 -11.44 17.13
C ASP A 78 3.04 -12.71 16.87
N THR A 79 4.12 -12.95 17.62
CA THR A 79 4.84 -14.21 17.54
C THR A 79 3.89 -15.38 17.79
N GLY A 80 4.01 -16.41 16.96
CA GLY A 80 3.27 -17.63 17.21
C GLY A 80 3.10 -18.44 15.93
N TYR A 81 2.27 -19.48 16.03
CA TYR A 81 2.01 -20.40 14.94
C TYR A 81 0.70 -20.03 14.25
N TYR A 82 0.78 -19.76 12.96
CA TYR A 82 -0.36 -19.36 12.15
C TYR A 82 -0.78 -20.52 11.27
N ARG A 83 -2.04 -20.92 11.35
CA ARG A 83 -2.55 -22.07 10.62
C ARG A 83 -3.63 -21.63 9.64
N VAL A 84 -3.63 -22.22 8.45
CA VAL A 84 -4.74 -21.99 7.51
C VAL A 84 -5.36 -23.34 7.14
N THR A 85 -6.68 -23.36 7.06
CA THR A 85 -7.43 -24.57 6.72
C THR A 85 -8.37 -24.25 5.56
N ALA A 86 -8.24 -24.99 4.48
CA ALA A 86 -9.07 -24.81 3.29
C ALA A 86 -10.05 -25.96 3.20
N THR A 87 -11.33 -25.64 2.97
CA THR A 87 -12.41 -26.62 3.02
C THR A 87 -13.37 -26.40 1.87
N ASN A 88 -13.83 -27.50 1.27
CA ASN A 88 -15.01 -27.48 0.40
C ASN A 88 -15.74 -28.80 0.61
N THR A 89 -16.79 -29.04 -0.19
CA THR A 89 -17.57 -30.24 0.01
C THR A 89 -16.77 -31.52 -0.26
N ALA A 90 -15.63 -31.43 -0.94
CA ALA A 90 -14.87 -32.63 -1.28
C ALA A 90 -13.80 -33.01 -0.27
N GLY A 91 -13.42 -32.10 0.63
CA GLY A 91 -12.41 -32.42 1.60
C GLY A 91 -11.84 -31.17 2.26
N SER A 92 -10.75 -31.38 3.01
CA SER A 92 -10.08 -30.33 3.75
C SER A 92 -8.58 -30.53 3.69
N THR A 93 -7.84 -29.43 3.86
CA THR A 93 -6.38 -29.47 3.93
C THR A 93 -5.91 -28.28 4.74
N SER A 94 -4.81 -28.47 5.48
CA SER A 94 -4.37 -27.48 6.44
C SER A 94 -2.84 -27.45 6.49
N CYS A 95 -2.29 -26.26 6.73
CA CYS A 95 -0.86 -26.12 6.97
C CYS A 95 -0.63 -24.99 7.95
N GLN A 96 0.56 -24.97 8.55
CA GLN A 96 0.89 -23.91 9.49
C GLN A 96 2.36 -23.52 9.36
N ALA A 97 2.66 -22.32 9.87
CA ALA A 97 4.03 -21.82 9.94
C ALA A 97 4.16 -20.93 11.18
N HIS A 98 5.41 -20.68 11.56
CA HIS A 98 5.73 -19.89 12.74
C HIS A 98 6.23 -18.51 12.34
N LEU A 99 5.77 -17.50 13.07
CA LEU A 99 6.29 -16.15 12.97
C LEU A 99 7.09 -15.84 14.22
N GLN A 100 8.33 -15.39 14.06
CA GLN A 100 9.16 -14.93 15.16
C GLN A 100 9.34 -13.42 15.01
N VAL A 101 8.82 -12.66 15.96
CA VAL A 101 9.03 -11.21 16.01
C VAL A 101 10.21 -10.95 16.91
N GLU A 102 11.27 -10.35 16.37
CA GLU A 102 12.50 -10.16 17.11
C GLU A 102 12.57 -8.75 17.71
N ARG A 103 13.24 -8.65 18.85
CA ARG A 103 13.22 -7.45 19.68
C ARG A 103 14.24 -6.43 19.15
N LEU A 104 14.39 -5.32 19.86
CA LEU A 104 15.17 -4.15 19.44
C LEU A 104 14.55 -3.50 18.20
N SER B 7 14.19 34.45 10.82
CA SER B 7 13.45 33.96 9.66
C SER B 7 13.90 32.55 9.24
N THR B 8 14.97 32.04 9.85
CA THR B 8 15.47 30.71 9.54
C THR B 8 15.62 29.91 10.83
N LEU B 9 15.70 28.58 10.67
CA LEU B 9 15.82 27.67 11.81
C LEU B 9 16.51 26.40 11.34
N ARG B 10 17.64 26.07 11.97
CA ARG B 10 18.46 24.95 11.54
C ARG B 10 17.65 23.66 11.59
N PRO B 11 17.87 22.74 10.64
CA PRO B 11 17.13 21.46 10.69
C PRO B 11 17.48 20.67 11.93
N MET B 12 16.51 19.90 12.42
CA MET B 12 16.70 19.10 13.62
C MET B 12 15.88 17.82 13.50
N PHE B 13 16.47 16.70 13.87
CA PHE B 13 15.74 15.44 13.87
C PHE B 13 14.92 15.34 15.14
N LYS B 14 13.60 15.17 14.99
CA LYS B 14 12.75 14.90 16.15
C LYS B 14 12.59 13.41 16.40
N ARG B 15 12.66 12.60 15.34
CA ARG B 15 12.77 11.16 15.42
C ARG B 15 13.86 10.73 14.44
N LEU B 16 14.81 9.93 14.93
CA LEU B 16 16.01 9.58 14.19
C LEU B 16 15.87 8.20 13.56
N LEU B 17 16.72 7.95 12.56
CA LEU B 17 16.79 6.60 12.01
C LEU B 17 17.14 5.61 13.11
N ALA B 18 16.52 4.43 13.06
CA ALA B 18 16.75 3.38 14.04
C ALA B 18 17.26 2.13 13.34
N ASN B 19 18.17 1.41 14.00
CA ASN B 19 18.73 0.21 13.41
C ASN B 19 17.64 -0.81 13.11
N ALA B 20 17.77 -1.50 11.99
CA ALA B 20 16.73 -2.41 11.54
C ALA B 20 17.36 -3.71 11.06
N GLU B 21 16.50 -4.72 10.99
CA GLU B 21 16.88 -6.06 10.61
C GLU B 21 15.66 -6.67 9.90
N CYS B 22 15.91 -7.41 8.83
CA CYS B 22 14.83 -8.11 8.16
C CYS B 22 15.37 -9.35 7.48
N GLN B 23 14.45 -10.25 7.15
CA GLN B 23 14.75 -11.47 6.42
C GLN B 23 14.73 -11.20 4.93
N GLU B 24 15.73 -11.75 4.22
CA GLU B 24 15.78 -11.63 2.77
C GLU B 24 14.43 -11.88 2.14
N GLY B 25 14.01 -10.98 1.25
CA GLY B 25 12.76 -11.10 0.54
C GLY B 25 11.62 -10.33 1.16
N GLN B 26 11.68 -10.09 2.47
CA GLN B 26 10.71 -9.21 3.12
C GLN B 26 11.10 -7.74 2.92
N SER B 27 10.21 -6.86 3.34
CA SER B 27 10.42 -5.42 3.28
C SER B 27 10.94 -4.90 4.61
N VAL B 28 11.57 -3.73 4.55
CA VAL B 28 12.01 -3.03 5.75
C VAL B 28 11.75 -1.55 5.54
N CYS B 29 11.44 -0.87 6.64
CA CYS B 29 11.06 0.53 6.64
C CYS B 29 11.91 1.30 7.63
N PHE B 30 12.33 2.49 7.23
CA PHE B 30 12.99 3.47 8.08
C PHE B 30 12.12 4.72 8.14
N GLU B 31 11.91 5.26 9.33
CA GLU B 31 11.02 6.39 9.53
C GLU B 31 11.73 7.49 10.32
N ILE B 32 11.58 8.73 9.86
CA ILE B 32 12.17 9.89 10.55
C ILE B 32 11.15 11.02 10.61
N ARG B 33 11.38 11.91 11.57
CA ARG B 33 10.73 13.20 11.60
C ARG B 33 11.82 14.26 11.73
N VAL B 34 11.84 15.21 10.81
CA VAL B 34 12.84 16.27 10.81
C VAL B 34 12.13 17.60 10.56
N SER B 35 12.52 18.62 11.29
CA SER B 35 11.92 19.95 11.21
C SER B 35 12.95 20.95 10.69
N GLY B 36 12.51 22.17 10.53
CA GLY B 36 13.40 23.25 10.12
C GLY B 36 12.68 24.25 9.25
N ILE B 37 13.13 25.51 9.33
CA ILE B 37 12.55 26.60 8.57
C ILE B 37 13.67 27.29 7.80
N PRO B 38 13.59 27.36 6.46
CA PRO B 38 12.58 26.72 5.61
C PRO B 38 12.70 25.18 5.68
N PRO B 39 11.65 24.47 5.27
CA PRO B 39 11.68 23.00 5.35
C PRO B 39 12.89 22.45 4.62
N PRO B 40 13.64 21.55 5.24
CA PRO B 40 14.92 21.13 4.65
C PRO B 40 14.74 20.16 3.50
N THR B 41 15.75 20.12 2.63
CA THR B 41 15.83 19.07 1.63
C THR B 41 16.72 17.94 2.15
N LEU B 42 16.40 16.74 1.71
CA LEU B 42 17.02 15.53 2.21
C LEU B 42 17.87 14.91 1.13
N LYS B 43 19.01 14.35 1.53
CA LYS B 43 19.79 13.46 0.69
C LYS B 43 19.94 12.15 1.45
N TRP B 44 19.74 11.04 0.75
CA TRP B 44 19.84 9.71 1.32
C TRP B 44 21.08 9.04 0.77
N GLU B 45 21.81 8.34 1.64
CA GLU B 45 23.04 7.67 1.26
C GLU B 45 23.06 6.26 1.82
N LYS B 46 23.76 5.39 1.12
CA LYS B 46 24.10 4.07 1.62
C LYS B 46 25.63 3.96 1.64
N ASP B 47 26.20 3.87 2.85
CA ASP B 47 27.63 3.68 3.03
C ASP B 47 28.43 4.76 2.31
N GLY B 48 28.02 6.02 2.49
CA GLY B 48 28.74 7.15 1.94
C GLY B 48 28.47 7.44 0.48
N GLN B 49 27.59 6.70 -0.16
CA GLN B 49 27.28 6.86 -1.57
C GLN B 49 25.81 7.24 -1.73
N PRO B 50 25.48 8.07 -2.72
CA PRO B 50 24.08 8.44 -2.94
C PRO B 50 23.22 7.20 -3.14
N LEU B 51 22.03 7.23 -2.54
CA LEU B 51 21.17 6.05 -2.58
C LEU B 51 20.51 5.93 -3.95
N SER B 52 20.70 4.78 -4.59
CA SER B 52 20.02 4.48 -5.85
C SER B 52 18.76 3.69 -5.54
N LEU B 53 17.61 4.24 -5.93
CA LEU B 53 16.35 3.65 -5.50
C LEU B 53 16.04 2.35 -6.24
N GLY B 54 16.56 2.19 -7.45
CA GLY B 54 16.25 1.03 -8.25
C GLY B 54 14.76 0.84 -8.40
N PRO B 55 14.33 -0.41 -8.61
CA PRO B 55 12.90 -0.68 -8.71
C PRO B 55 12.21 -1.00 -7.39
N ASN B 56 12.97 -1.15 -6.30
CA ASN B 56 12.42 -1.68 -5.05
C ASN B 56 12.39 -0.69 -3.89
N ILE B 57 12.88 0.54 -4.07
CA ILE B 57 12.94 1.50 -2.97
C ILE B 57 12.02 2.66 -3.27
N GLU B 58 11.27 3.10 -2.26
CA GLU B 58 10.49 4.32 -2.39
C GLU B 58 10.64 5.15 -1.12
N ILE B 59 10.74 6.45 -1.32
CA ILE B 59 10.74 7.42 -0.24
C ILE B 59 9.37 8.07 -0.20
N ILE B 60 8.78 8.10 0.99
CA ILE B 60 7.44 8.66 1.18
C ILE B 60 7.55 9.83 2.13
N HIS B 61 6.99 10.96 1.73
CA HIS B 61 6.98 12.19 2.53
C HIS B 61 5.52 12.49 2.83
N GLU B 62 5.20 12.63 4.13
CA GLU B 62 3.85 12.95 4.61
C GLU B 62 3.94 14.09 5.62
N GLY B 63 2.98 15.00 5.56
CA GLY B 63 3.07 16.17 6.43
C GLY B 63 4.33 16.94 6.07
N LEU B 64 4.73 17.82 6.97
CA LEU B 64 5.96 18.57 6.74
C LEU B 64 7.21 17.82 7.20
N ASP B 65 7.10 17.01 8.25
CA ASP B 65 8.30 16.46 8.89
C ASP B 65 8.52 14.96 8.68
N TYR B 66 7.53 14.23 8.18
CA TYR B 66 7.62 12.78 8.16
C TYR B 66 8.17 12.26 6.84
N TYR B 67 9.11 11.32 6.92
CA TYR B 67 9.68 10.65 5.77
C TYR B 67 9.87 9.19 6.10
N ALA B 68 9.53 8.32 5.14
CA ALA B 68 9.74 6.88 5.31
C ALA B 68 10.54 6.35 4.13
N LEU B 69 11.49 5.46 4.42
CA LEU B 69 12.29 4.79 3.41
C LEU B 69 11.86 3.34 3.38
N HIS B 70 11.17 2.94 2.32
CA HIS B 70 10.65 1.59 2.17
C HIS B 70 11.53 0.82 1.19
N ILE B 71 12.20 -0.22 1.69
CA ILE B 71 13.00 -1.12 0.85
C ILE B 71 12.27 -2.45 0.82
N ARG B 72 11.79 -2.81 -0.36
CA ARG B 72 11.08 -4.06 -0.59
C ARG B 72 11.99 -5.06 -1.29
N ASP B 73 11.61 -6.34 -1.19
CA ASP B 73 12.33 -7.42 -1.85
C ASP B 73 13.82 -7.37 -1.54
N THR B 74 14.13 -7.36 -0.24
CA THR B 74 15.49 -7.14 0.21
C THR B 74 16.38 -8.32 -0.15
N LEU B 75 17.64 -8.00 -0.41
CA LEU B 75 18.73 -8.92 -0.68
C LEU B 75 19.83 -8.73 0.35
N PRO B 76 20.63 -9.77 0.63
CA PRO B 76 21.71 -9.60 1.61
C PRO B 76 22.65 -8.45 1.27
N GLU B 77 22.87 -8.15 -0.03
CA GLU B 77 23.72 -7.03 -0.41
C GLU B 77 23.15 -5.69 0.04
N ASP B 78 21.85 -5.61 0.39
CA ASP B 78 21.29 -4.38 0.93
C ASP B 78 21.80 -4.05 2.32
N THR B 79 22.45 -5.00 2.99
CA THR B 79 23.06 -4.74 4.29
C THR B 79 24.03 -3.57 4.19
N GLY B 80 23.97 -2.68 5.17
CA GLY B 80 24.86 -1.55 5.20
C GLY B 80 24.33 -0.46 6.11
N TYR B 81 25.05 0.66 6.09
CA TYR B 81 24.69 1.85 6.86
C TYR B 81 23.99 2.82 5.94
N TYR B 82 22.76 3.19 6.29
CA TYR B 82 21.98 4.17 5.55
C TYR B 82 22.00 5.49 6.32
N ARG B 83 22.29 6.57 5.62
CA ARG B 83 22.36 7.89 6.23
C ARG B 83 21.39 8.83 5.51
N VAL B 84 20.76 9.73 6.26
CA VAL B 84 19.99 10.82 5.69
C VAL B 84 20.53 12.12 6.25
N THR B 85 20.63 13.14 5.40
CA THR B 85 21.10 14.47 5.78
C THR B 85 20.07 15.50 5.35
N ALA B 86 19.64 16.33 6.30
CA ALA B 86 18.65 17.37 6.06
C ALA B 86 19.34 18.73 6.07
N THR B 87 19.05 19.56 5.05
CA THR B 87 19.74 20.83 4.90
C THR B 87 18.77 21.93 4.51
N ASN B 88 18.97 23.11 5.10
CA ASN B 88 18.33 24.35 4.63
C ASN B 88 19.40 25.44 4.69
N THR B 89 18.97 26.70 4.55
CA THR B 89 19.92 27.81 4.56
C THR B 89 20.53 28.07 5.93
N ALA B 90 19.97 27.50 6.99
CA ALA B 90 20.48 27.74 8.33
C ALA B 90 21.47 26.69 8.82
N GLY B 91 21.58 25.55 8.13
CA GLY B 91 22.54 24.55 8.55
C GLY B 91 22.10 23.17 8.10
N SER B 92 22.82 22.17 8.60
CA SER B 92 22.60 20.79 8.24
C SER B 92 22.62 19.91 9.49
N THR B 93 21.95 18.77 9.40
CA THR B 93 21.97 17.76 10.43
C THR B 93 21.85 16.40 9.77
N SER B 94 22.41 15.38 10.41
CA SER B 94 22.53 14.07 9.77
C SER B 94 22.38 12.97 10.82
N CYS B 95 21.84 11.84 10.40
CA CYS B 95 21.82 10.66 11.26
C CYS B 95 21.87 9.41 10.38
N GLN B 96 22.30 8.30 10.98
CA GLN B 96 22.44 7.05 10.23
C GLN B 96 21.97 5.87 11.08
N ALA B 97 21.66 4.78 10.38
CA ALA B 97 21.32 3.53 11.04
C ALA B 97 21.86 2.38 10.20
N HIS B 98 21.89 1.19 10.80
CA HIS B 98 22.37 -0.01 10.14
C HIS B 98 21.20 -0.89 9.74
N LEU B 99 21.29 -1.50 8.57
CA LEU B 99 20.35 -2.51 8.12
C LEU B 99 21.11 -3.81 7.94
N GLN B 100 20.61 -4.88 8.56
CA GLN B 100 21.13 -6.22 8.37
C GLN B 100 20.05 -7.03 7.68
N VAL B 101 20.29 -7.43 6.43
CA VAL B 101 19.38 -8.31 5.71
C VAL B 101 19.89 -9.72 5.90
N GLU B 102 19.21 -10.49 6.74
CA GLU B 102 19.68 -11.82 7.07
C GLU B 102 19.35 -12.81 5.97
N ARG B 103 20.29 -13.71 5.69
CA ARG B 103 20.11 -14.68 4.62
C ARG B 103 19.01 -15.67 4.97
N LEU B 104 18.23 -16.05 3.97
CA LEU B 104 17.22 -17.08 4.19
C LEU B 104 17.88 -18.42 4.50
N ARG B 105 18.93 -18.77 3.76
CA ARG B 105 19.66 -20.03 3.94
C ARG B 105 18.72 -21.21 3.69
N THR C 8 26.63 19.11 -15.56
CA THR C 8 25.40 19.74 -15.12
C THR C 8 24.35 19.73 -16.25
N LEU C 9 23.07 19.75 -15.88
CA LEU C 9 22.01 19.68 -16.86
C LEU C 9 20.72 20.26 -16.28
N ARG C 10 20.05 21.09 -17.07
CA ARG C 10 18.81 21.71 -16.64
C ARG C 10 17.74 20.65 -16.37
N PRO C 11 16.89 20.85 -15.36
CA PRO C 11 15.80 19.88 -15.13
C PRO C 11 14.83 19.86 -16.30
N MET C 12 14.36 18.66 -16.64
CA MET C 12 13.43 18.46 -17.72
C MET C 12 12.36 17.46 -17.30
N PHE C 13 11.13 17.70 -17.78
CA PHE C 13 10.02 16.78 -17.52
C PHE C 13 9.99 15.73 -18.61
N LYS C 14 10.40 14.51 -18.27
CA LYS C 14 10.22 13.39 -19.19
C LYS C 14 8.79 12.88 -19.19
N ARG C 15 8.03 13.19 -18.14
CA ARG C 15 6.60 12.92 -18.08
C ARG C 15 5.95 14.07 -17.31
N LEU C 16 5.01 14.75 -17.94
CA LEU C 16 4.38 15.92 -17.37
C LEU C 16 3.15 15.53 -16.55
N LEU C 17 2.70 16.46 -15.70
CA LEU C 17 1.45 16.27 -15.01
C LEU C 17 0.31 16.24 -16.02
N ALA C 18 -0.65 15.35 -15.80
CA ALA C 18 -1.83 15.25 -16.64
C ALA C 18 -3.07 15.57 -15.81
N ASN C 19 -4.06 16.19 -16.46
CA ASN C 19 -5.32 16.48 -15.78
C ASN C 19 -5.95 15.19 -15.30
N ALA C 20 -6.63 15.27 -14.17
CA ALA C 20 -7.21 14.10 -13.55
C ALA C 20 -8.58 14.42 -12.99
N GLU C 21 -9.34 13.36 -12.76
CA GLU C 21 -10.65 13.45 -12.18
C GLU C 21 -10.81 12.25 -11.27
N CYS C 22 -11.49 12.44 -10.14
N CYS C 22 -11.55 12.42 -10.17
CA CYS C 22 -11.82 11.29 -9.31
CA CYS C 22 -11.73 11.37 -9.19
C CYS C 22 -13.13 11.56 -8.59
C CYS C 22 -13.07 11.58 -8.47
N GLN C 23 -13.76 10.48 -8.17
CA GLN C 23 -14.96 10.55 -7.36
C GLN C 23 -14.57 10.81 -5.92
N GLU C 24 -15.36 11.62 -5.22
CA GLU C 24 -15.00 11.92 -3.84
C GLU C 24 -15.05 10.65 -2.99
N GLY C 25 -14.11 10.53 -2.05
CA GLY C 25 -13.93 9.32 -1.30
C GLY C 25 -13.01 8.31 -1.96
N GLN C 26 -12.66 8.51 -3.23
CA GLN C 26 -11.72 7.61 -3.89
C GLN C 26 -10.35 8.27 -3.91
N SER C 27 -9.39 7.59 -4.53
CA SER C 27 -8.02 8.06 -4.56
C SER C 27 -7.65 8.53 -5.95
N VAL C 28 -6.67 9.42 -6.00
CA VAL C 28 -6.12 9.91 -7.25
C VAL C 28 -4.63 10.09 -7.10
N CYS C 29 -3.91 9.93 -8.20
CA CYS C 29 -2.46 9.93 -8.22
C CYS C 29 -1.98 10.79 -9.38
N PHE C 30 -1.12 11.75 -9.10
CA PHE C 30 -0.43 12.53 -10.14
C PHE C 30 1.00 12.02 -10.26
N GLU C 31 1.42 11.67 -11.48
CA GLU C 31 2.75 11.14 -11.73
C GLU C 31 3.56 12.06 -12.62
N ILE C 32 4.85 12.21 -12.33
CA ILE C 32 5.79 12.90 -13.19
C ILE C 32 7.12 12.17 -13.20
N ARG C 33 7.92 12.46 -14.24
N ARG C 33 7.93 12.48 -14.22
CA ARG C 33 9.29 11.98 -14.32
CA ARG C 33 9.30 11.98 -14.31
C ARG C 33 10.17 13.19 -14.61
C ARG C 33 10.20 13.15 -14.64
N VAL C 34 11.13 13.45 -13.73
CA VAL C 34 12.00 14.62 -13.84
C VAL C 34 13.44 14.17 -13.83
N SER C 35 14.21 14.57 -14.84
CA SER C 35 15.63 14.31 -14.92
C SER C 35 16.40 15.60 -14.66
N GLY C 36 17.69 15.45 -14.46
CA GLY C 36 18.57 16.59 -14.24
C GLY C 36 19.76 16.20 -13.38
N ILE C 37 20.91 16.81 -13.67
CA ILE C 37 22.12 16.64 -12.89
C ILE C 37 22.55 18.02 -12.40
N PRO C 38 22.63 18.26 -11.08
CA PRO C 38 22.32 17.34 -9.99
C PRO C 38 20.83 17.05 -9.89
N PRO C 39 20.45 15.97 -9.21
CA PRO C 39 19.02 15.66 -9.05
C PRO C 39 18.28 16.84 -8.47
N PRO C 40 17.23 17.31 -9.16
CA PRO C 40 16.57 18.54 -8.74
C PRO C 40 15.68 18.33 -7.53
N THR C 41 15.45 19.41 -6.80
CA THR C 41 14.51 19.43 -5.70
C THR C 41 13.16 19.90 -6.22
N LEU C 42 12.09 19.33 -5.66
CA LEU C 42 10.74 19.59 -6.13
C LEU C 42 9.98 20.43 -5.10
N LYS C 43 9.19 21.36 -5.59
CA LYS C 43 8.26 22.11 -4.76
C LYS C 43 6.87 22.03 -5.39
N TRP C 44 5.88 21.68 -4.59
CA TRP C 44 4.51 21.46 -5.04
C TRP C 44 3.61 22.59 -4.56
N GLU C 45 2.70 23.03 -5.41
CA GLU C 45 1.72 24.03 -5.03
C GLU C 45 0.32 23.59 -5.46
N LYS C 46 -0.68 24.12 -4.77
CA LYS C 46 -2.08 23.98 -5.16
C LYS C 46 -2.69 25.36 -5.22
N ASP C 47 -3.25 25.71 -6.37
CA ASP C 47 -3.84 27.03 -6.61
C ASP C 47 -2.87 28.14 -6.20
N GLY C 48 -1.62 28.01 -6.65
CA GLY C 48 -0.63 29.06 -6.46
C GLY C 48 0.00 29.14 -5.09
N GLN C 49 -0.54 28.44 -4.08
CA GLN C 49 -0.02 28.46 -2.72
C GLN C 49 0.66 27.14 -2.38
N PRO C 50 1.62 27.13 -1.45
CA PRO C 50 2.29 25.86 -1.11
C PRO C 50 1.29 24.79 -0.73
N LEU C 51 1.55 23.57 -1.22
CA LEU C 51 0.64 22.47 -1.02
C LEU C 51 0.52 22.13 0.46
N SER C 52 -0.71 22.04 0.95
CA SER C 52 -0.95 21.71 2.36
C SER C 52 -0.76 20.22 2.56
N LEU C 53 0.37 19.85 3.16
CA LEU C 53 0.73 18.45 3.39
C LEU C 53 0.09 17.99 4.70
N GLY C 54 -1.03 17.29 4.60
CA GLY C 54 -1.72 16.78 5.77
C GLY C 54 -2.13 15.34 5.58
N PRO C 55 -3.08 14.88 6.40
CA PRO C 55 -3.57 13.50 6.24
C PRO C 55 -4.12 13.24 4.85
N ASN C 56 -3.91 12.00 4.38
CA ASN C 56 -4.41 11.49 3.10
C ASN C 56 -3.70 12.08 1.91
N ILE C 57 -2.61 12.80 2.10
CA ILE C 57 -1.77 13.28 1.01
C ILE C 57 -0.36 12.78 1.23
N GLU C 58 0.29 12.32 0.17
CA GLU C 58 1.68 11.88 0.28
C GLU C 58 2.43 12.17 -1.01
N ILE C 59 3.71 12.50 -0.86
CA ILE C 59 4.65 12.70 -1.96
C ILE C 59 5.57 11.49 -2.03
N ILE C 60 5.64 10.86 -3.20
CA ILE C 60 6.37 9.62 -3.40
C ILE C 60 7.52 9.87 -4.37
N HIS C 61 8.67 9.29 -4.06
CA HIS C 61 9.82 9.30 -4.95
C HIS C 61 10.27 7.86 -5.13
N GLU C 62 10.40 7.42 -6.39
CA GLU C 62 10.84 6.07 -6.73
C GLU C 62 11.89 6.15 -7.84
N GLY C 63 12.45 5.01 -8.21
CA GLY C 63 13.51 4.97 -9.20
C GLY C 63 13.03 5.45 -10.56
N LEU C 64 14.00 5.60 -11.48
CA LEU C 64 13.74 6.06 -12.84
C LEU C 64 13.14 7.47 -12.86
N ASP C 65 13.59 8.32 -11.93
CA ASP C 65 13.21 9.73 -11.86
C ASP C 65 11.71 9.91 -11.58
N TYR C 66 11.07 8.93 -10.98
CA TYR C 66 9.63 8.92 -10.78
C TYR C 66 9.25 9.68 -9.51
N TYR C 67 8.29 10.60 -9.63
CA TYR C 67 7.71 11.29 -8.48
C TYR C 67 6.20 11.25 -8.59
N ALA C 68 5.52 11.12 -7.46
CA ALA C 68 4.07 11.04 -7.48
C ALA C 68 3.46 11.82 -6.33
N LEU C 69 2.33 12.45 -6.61
CA LEU C 69 1.48 13.07 -5.61
C LEU C 69 0.23 12.20 -5.50
N HIS C 70 0.02 11.61 -4.33
CA HIS C 70 -1.08 10.70 -4.11
C HIS C 70 -2.03 11.30 -3.09
N ILE C 71 -3.32 11.28 -3.40
CA ILE C 71 -4.35 11.76 -2.49
C ILE C 71 -5.39 10.67 -2.34
N ARG C 72 -5.63 10.25 -1.10
CA ARG C 72 -6.68 9.27 -0.85
C ARG C 72 -7.87 9.95 -0.20
N ASP C 73 -9.03 9.29 -0.29
CA ASP C 73 -10.25 9.77 0.33
C ASP C 73 -10.50 11.24 0.00
N THR C 74 -10.46 11.55 -1.30
CA THR C 74 -10.53 12.93 -1.73
C THR C 74 -11.83 13.59 -1.26
N LEU C 75 -11.74 14.87 -0.99
CA LEU C 75 -12.83 15.73 -0.61
C LEU C 75 -13.00 16.81 -1.67
N PRO C 76 -14.13 17.51 -1.69
CA PRO C 76 -14.30 18.61 -2.67
C PRO C 76 -13.21 19.67 -2.58
N GLU C 77 -12.66 19.93 -1.39
CA GLU C 77 -11.60 20.93 -1.24
C GLU C 77 -10.34 20.56 -2.02
N ASP C 78 -10.18 19.30 -2.41
CA ASP C 78 -9.00 18.87 -3.16
C ASP C 78 -9.05 19.25 -4.64
N THR C 79 -10.21 19.66 -5.16
CA THR C 79 -10.28 20.19 -6.51
C THR C 79 -9.39 21.41 -6.65
N GLY C 80 -8.70 21.52 -7.78
CA GLY C 80 -7.91 22.69 -8.07
C GLY C 80 -6.73 22.35 -8.96
N TYR C 81 -5.86 23.34 -9.12
CA TYR C 81 -4.68 23.23 -9.97
C TYR C 81 -3.46 22.93 -9.12
N TYR C 82 -2.76 21.85 -9.47
CA TYR C 82 -1.57 21.41 -8.78
C TYR C 82 -0.36 21.67 -9.67
N ARG C 83 0.64 22.35 -9.12
CA ARG C 83 1.84 22.71 -9.87
C ARG C 83 3.05 22.10 -9.19
N VAL C 84 4.00 21.63 -10.00
CA VAL C 84 5.27 21.15 -9.50
C VAL C 84 6.38 21.91 -10.18
N THR C 85 7.38 22.32 -9.41
CA THR C 85 8.54 23.03 -9.92
C THR C 85 9.79 22.23 -9.56
N ALA C 86 10.59 21.92 -10.57
CA ALA C 86 11.87 21.25 -10.40
C ALA C 86 13.00 22.24 -10.62
N THR C 87 13.99 22.22 -9.73
CA THR C 87 15.09 23.19 -9.77
C THR C 87 16.40 22.52 -9.39
N ASN C 88 17.44 22.78 -10.16
CA ASN C 88 18.81 22.49 -9.76
C ASN C 88 19.66 23.73 -10.10
N THR C 89 20.99 23.55 -10.08
CA THR C 89 21.88 24.67 -10.30
C THR C 89 21.89 25.17 -11.74
N ALA C 90 21.43 24.36 -12.68
CA ALA C 90 21.40 24.76 -14.08
C ALA C 90 20.10 25.42 -14.51
N GLY C 91 19.11 25.50 -13.63
CA GLY C 91 17.86 26.15 -13.97
C GLY C 91 16.68 25.42 -13.37
N SER C 92 15.49 25.78 -13.83
CA SER C 92 14.25 25.28 -13.27
C SER C 92 13.21 25.11 -14.37
N THR C 93 12.24 24.24 -14.10
CA THR C 93 11.14 24.00 -15.02
C THR C 93 9.90 23.64 -14.20
N SER C 94 8.73 23.96 -14.75
CA SER C 94 7.49 23.82 -14.00
C SER C 94 6.39 23.36 -14.93
N CYS C 95 5.41 22.67 -14.37
CA CYS C 95 4.21 22.31 -15.10
C CYS C 95 3.06 22.17 -14.11
N GLN C 96 1.83 22.20 -14.63
CA GLN C 96 0.66 22.10 -13.79
C GLN C 96 -0.41 21.29 -14.49
N ALA C 97 -1.37 20.83 -13.68
CA ALA C 97 -2.54 20.12 -14.16
C ALA C 97 -3.67 20.35 -13.17
N HIS C 98 -4.88 19.96 -13.59
CA HIS C 98 -6.08 20.19 -12.79
C HIS C 98 -6.59 18.87 -12.24
N LEU C 99 -7.13 18.92 -11.04
CA LEU C 99 -7.88 17.81 -10.45
C LEU C 99 -9.32 18.26 -10.24
N GLN C 100 -10.26 17.47 -10.74
CA GLN C 100 -11.68 17.70 -10.50
C GLN C 100 -12.21 16.58 -9.61
N VAL C 101 -12.64 16.92 -8.41
CA VAL C 101 -13.34 15.96 -7.56
C VAL C 101 -14.83 15.99 -7.93
N GLU C 102 -15.44 14.81 -8.04
CA GLU C 102 -16.82 14.67 -8.45
C GLU C 102 -17.61 13.86 -7.44
N ARG C 103 -18.93 14.04 -7.46
CA ARG C 103 -19.82 13.31 -6.55
C ARG C 103 -20.52 12.17 -7.29
N THR D 8 -26.44 -18.41 16.24
CA THR D 8 -26.33 -18.43 14.79
C THR D 8 -27.30 -17.43 14.14
N LEU D 9 -26.76 -16.51 13.34
CA LEU D 9 -27.55 -15.47 12.73
C LEU D 9 -27.21 -15.35 11.25
N ARG D 10 -28.21 -14.97 10.46
CA ARG D 10 -28.04 -14.83 9.02
C ARG D 10 -27.06 -13.70 8.71
N PRO D 11 -26.22 -13.86 7.70
CA PRO D 11 -25.30 -12.77 7.33
C PRO D 11 -26.07 -11.52 6.93
N MET D 12 -25.49 -10.36 7.23
CA MET D 12 -26.18 -9.10 7.01
C MET D 12 -25.18 -7.98 6.81
N PHE D 13 -25.28 -7.26 5.69
CA PHE D 13 -24.42 -6.11 5.44
C PHE D 13 -24.74 -4.98 6.40
N LYS D 14 -23.70 -4.46 7.05
CA LYS D 14 -23.82 -3.18 7.74
C LYS D 14 -23.42 -2.01 6.85
N ARG D 15 -22.77 -2.29 5.72
CA ARG D 15 -22.45 -1.26 4.72
C ARG D 15 -22.48 -1.93 3.36
N LEU D 16 -23.34 -1.42 2.48
CA LEU D 16 -23.56 -1.99 1.16
C LEU D 16 -22.52 -1.48 0.17
N LEU D 17 -22.37 -2.23 -0.93
CA LEU D 17 -21.64 -1.74 -2.07
C LEU D 17 -22.27 -0.46 -2.58
N ALA D 18 -21.43 0.50 -2.97
CA ALA D 18 -21.90 1.76 -3.52
C ALA D 18 -21.36 1.94 -4.93
N ASN D 19 -22.17 2.56 -5.79
CA ASN D 19 -21.72 2.83 -7.15
C ASN D 19 -20.43 3.63 -7.14
N ALA D 20 -19.58 3.37 -8.12
CA ALA D 20 -18.26 3.96 -8.16
C ALA D 20 -17.91 4.33 -9.59
N GLU D 21 -16.96 5.24 -9.70
CA GLU D 21 -16.49 5.75 -10.97
C GLU D 21 -15.03 6.12 -10.78
N CYS D 22 -14.21 5.86 -11.81
CA CYS D 22 -12.83 6.32 -11.78
C CYS D 22 -12.34 6.57 -13.19
N GLN D 23 -11.24 7.29 -13.27
CA GLN D 23 -10.55 7.49 -14.54
C GLN D 23 -9.65 6.30 -14.86
N GLU D 24 -9.59 5.96 -16.14
CA GLU D 24 -8.71 4.90 -16.62
C GLU D 24 -7.28 5.14 -16.15
N GLY D 25 -6.65 4.09 -15.61
CA GLY D 25 -5.33 4.19 -15.04
C GLY D 25 -5.28 4.57 -13.58
N GLN D 26 -6.35 5.16 -13.05
CA GLN D 26 -6.44 5.44 -11.62
C GLN D 26 -6.96 4.20 -10.90
N SER D 27 -7.07 4.30 -9.58
N SER D 27 -7.09 4.31 -9.59
CA SER D 27 -7.54 3.19 -8.75
CA SER D 27 -7.55 3.22 -8.75
C SER D 27 -8.93 3.49 -8.20
C SER D 27 -8.96 3.48 -8.25
N VAL D 28 -9.64 2.41 -7.85
CA VAL D 28 -11.00 2.49 -7.35
C VAL D 28 -11.15 1.41 -6.27
N CYS D 29 -12.01 1.69 -5.29
CA CYS D 29 -12.16 0.82 -4.13
C CYS D 29 -13.63 0.68 -3.79
N PHE D 30 -14.10 -0.56 -3.72
CA PHE D 30 -15.41 -0.89 -3.16
C PHE D 30 -15.21 -1.42 -1.76
N GLU D 31 -16.06 -0.96 -0.84
CA GLU D 31 -15.94 -1.35 0.56
C GLU D 31 -17.30 -1.80 1.07
N ILE D 32 -17.33 -2.92 1.77
CA ILE D 32 -18.53 -3.41 2.42
C ILE D 32 -18.20 -3.79 3.86
N ARG D 33 -19.25 -4.01 4.64
N ARG D 33 -19.25 -4.00 4.64
CA ARG D 33 -19.13 -4.49 6.02
CA ARG D 33 -19.14 -4.48 6.01
C ARG D 33 -20.27 -5.48 6.22
C ARG D 33 -20.27 -5.48 6.23
N VAL D 34 -19.94 -6.74 6.48
CA VAL D 34 -20.94 -7.79 6.65
C VAL D 34 -20.62 -8.59 7.90
N SER D 35 -21.59 -8.68 8.80
CA SER D 35 -21.48 -9.48 10.02
C SER D 35 -22.29 -10.77 9.87
N GLY D 36 -21.98 -11.73 10.73
CA GLY D 36 -22.64 -13.03 10.70
C GLY D 36 -22.04 -14.02 11.67
N ILE D 37 -22.88 -14.86 12.27
CA ILE D 37 -22.40 -15.93 13.15
C ILE D 37 -23.00 -17.24 12.68
N PRO D 38 -22.18 -18.20 12.18
CA PRO D 38 -20.74 -18.11 11.98
C PRO D 38 -20.36 -17.06 10.94
N PRO D 39 -19.11 -16.58 10.97
CA PRO D 39 -18.69 -15.55 10.01
C PRO D 39 -18.92 -15.99 8.58
N PRO D 40 -19.65 -15.21 7.79
CA PRO D 40 -20.04 -15.67 6.46
C PRO D 40 -18.84 -15.72 5.51
N THR D 41 -18.94 -16.62 4.54
CA THR D 41 -18.00 -16.69 3.44
C THR D 41 -18.54 -15.89 2.26
N LEU D 42 -17.66 -15.17 1.58
CA LEU D 42 -18.06 -14.24 0.54
C LEU D 42 -17.82 -14.81 -0.85
N LYS D 43 -18.67 -14.43 -1.80
CA LYS D 43 -18.54 -14.84 -3.19
C LYS D 43 -18.80 -13.62 -4.07
N TRP D 44 -17.80 -13.26 -4.88
CA TRP D 44 -17.85 -12.05 -5.68
C TRP D 44 -18.11 -12.40 -7.15
N GLU D 45 -18.96 -11.60 -7.79
CA GLU D 45 -19.31 -11.82 -9.18
C GLU D 45 -19.20 -10.52 -9.96
N LYS D 46 -18.90 -10.65 -11.25
CA LYS D 46 -18.82 -9.52 -12.17
C LYS D 46 -19.75 -9.81 -13.35
N ASP D 47 -20.78 -8.99 -13.50
CA ASP D 47 -21.75 -9.15 -14.59
C ASP D 47 -22.36 -10.55 -14.62
N GLY D 48 -22.56 -11.15 -13.45
CA GLY D 48 -23.19 -12.45 -13.33
C GLY D 48 -22.24 -13.63 -13.37
N GLN D 49 -21.00 -13.43 -13.77
CA GLN D 49 -20.04 -14.54 -13.78
C GLN D 49 -19.13 -14.45 -12.57
N PRO D 50 -18.55 -15.56 -12.14
CA PRO D 50 -17.62 -15.52 -11.00
C PRO D 50 -16.49 -14.54 -11.27
N LEU D 51 -16.25 -13.65 -10.31
CA LEU D 51 -15.27 -12.58 -10.49
C LEU D 51 -13.88 -13.15 -10.69
N SER D 52 -13.23 -12.74 -11.78
CA SER D 52 -11.87 -13.15 -12.08
C SER D 52 -10.92 -12.10 -11.53
N LEU D 53 -10.21 -12.44 -10.46
CA LEU D 53 -9.20 -11.54 -9.88
C LEU D 53 -8.00 -11.51 -10.82
N GLY D 54 -7.94 -10.48 -11.66
CA GLY D 54 -6.85 -10.34 -12.58
C GLY D 54 -5.54 -10.01 -11.87
N PRO D 55 -4.60 -9.41 -12.61
CA PRO D 55 -3.34 -8.99 -11.97
C PRO D 55 -3.47 -7.77 -11.09
N ASN D 56 -4.45 -6.90 -11.31
CA ASN D 56 -4.56 -5.66 -10.57
C ASN D 56 -5.80 -5.60 -9.69
N ILE D 57 -6.42 -6.75 -9.38
CA ILE D 57 -7.61 -6.81 -8.57
C ILE D 57 -7.32 -7.63 -7.32
N GLU D 58 -7.63 -7.08 -6.16
CA GLU D 58 -7.41 -7.80 -4.91
C GLU D 58 -8.60 -7.57 -3.99
N ILE D 59 -8.85 -8.54 -3.12
CA ILE D 59 -9.91 -8.48 -2.14
C ILE D 59 -9.26 -8.55 -0.77
N ILE D 60 -9.54 -7.56 0.08
CA ILE D 60 -8.88 -7.41 1.37
C ILE D 60 -9.89 -7.63 2.48
N HIS D 61 -9.52 -8.42 3.46
CA HIS D 61 -10.31 -8.62 4.68
C HIS D 61 -9.55 -7.99 5.83
N GLU D 62 -10.19 -7.04 6.51
CA GLU D 62 -9.59 -6.35 7.66
C GLU D 62 -10.54 -6.43 8.85
N GLY D 63 -9.99 -6.12 10.02
CA GLY D 63 -10.80 -5.96 11.22
C GLY D 63 -11.66 -7.16 11.52
N LEU D 64 -12.91 -6.91 11.89
CA LEU D 64 -13.86 -7.97 12.16
C LEU D 64 -14.73 -8.29 10.95
N ASP D 65 -15.30 -7.28 10.30
CA ASP D 65 -16.24 -7.53 9.22
C ASP D 65 -16.01 -6.61 8.02
N TYR D 66 -14.83 -6.02 7.92
CA TYR D 66 -14.49 -5.12 6.82
C TYR D 66 -13.96 -5.91 5.64
N TYR D 67 -14.52 -5.68 4.46
CA TYR D 67 -14.02 -6.25 3.21
C TYR D 67 -13.94 -5.15 2.17
N ALA D 68 -12.88 -5.18 1.37
CA ALA D 68 -12.73 -4.19 0.31
C ALA D 68 -12.30 -4.86 -0.98
N LEU D 69 -12.88 -4.41 -2.08
CA LEU D 69 -12.43 -4.80 -3.42
C LEU D 69 -11.63 -3.63 -3.98
N HIS D 70 -10.35 -3.87 -4.22
N HIS D 70 -10.33 -3.85 -4.17
CA HIS D 70 -9.43 -2.85 -4.70
CA HIS D 70 -9.42 -2.85 -4.69
C HIS D 70 -9.02 -3.18 -6.13
C HIS D 70 -9.07 -3.19 -6.14
N ILE D 71 -9.07 -2.18 -7.00
CA ILE D 71 -8.61 -2.31 -8.37
C ILE D 71 -7.63 -1.17 -8.61
N ARG D 72 -6.36 -1.50 -8.83
CA ARG D 72 -5.38 -0.49 -9.22
C ARG D 72 -5.26 -0.47 -10.74
N ASP D 73 -4.89 0.68 -11.27
CA ASP D 73 -4.60 0.85 -12.70
C ASP D 73 -5.75 0.34 -13.56
N THR D 74 -6.96 0.82 -13.25
CA THR D 74 -8.16 0.33 -13.91
C THR D 74 -8.07 0.49 -15.43
N LEU D 75 -8.73 -0.41 -16.13
CA LEU D 75 -8.90 -0.38 -17.57
C LEU D 75 -10.39 -0.40 -17.89
N PRO D 76 -10.79 0.04 -19.08
CA PRO D 76 -12.23 0.01 -19.43
C PRO D 76 -12.87 -1.35 -19.24
N GLU D 77 -12.13 -2.44 -19.42
CA GLU D 77 -12.66 -3.79 -19.22
C GLU D 77 -13.24 -3.96 -17.82
N ASP D 78 -12.74 -3.21 -16.84
CA ASP D 78 -13.22 -3.33 -15.47
C ASP D 78 -14.61 -2.74 -15.27
N THR D 79 -15.14 -2.03 -16.26
CA THR D 79 -16.50 -1.51 -16.17
C THR D 79 -17.51 -2.64 -16.09
N GLY D 80 -18.48 -2.51 -15.20
CA GLY D 80 -19.54 -3.50 -15.10
C GLY D 80 -20.15 -3.50 -13.72
N TYR D 81 -21.02 -4.49 -13.52
CA TYR D 81 -21.74 -4.66 -12.26
C TYR D 81 -21.00 -5.68 -11.41
N TYR D 82 -20.69 -5.30 -10.18
CA TYR D 82 -20.01 -6.15 -9.21
C TYR D 82 -21.01 -6.54 -8.13
N ARG D 83 -21.10 -7.84 -7.86
CA ARG D 83 -22.00 -8.37 -6.86
C ARG D 83 -21.20 -9.20 -5.85
N VAL D 84 -21.64 -9.16 -4.59
CA VAL D 84 -21.04 -9.95 -3.53
C VAL D 84 -22.17 -10.63 -2.74
N THR D 85 -21.97 -11.92 -2.45
CA THR D 85 -22.93 -12.72 -1.69
C THR D 85 -22.25 -13.27 -0.45
N ALA D 86 -22.88 -13.08 0.71
CA ALA D 86 -22.36 -13.57 1.98
C ALA D 86 -23.27 -14.71 2.44
N THR D 87 -22.69 -15.87 2.67
CA THR D 87 -23.45 -17.06 3.02
C THR D 87 -22.87 -17.70 4.27
N ASN D 88 -23.75 -18.21 5.13
CA ASN D 88 -23.35 -19.09 6.22
C ASN D 88 -24.45 -20.14 6.37
N THR D 89 -24.43 -20.84 7.50
CA THR D 89 -25.41 -21.91 7.72
C THR D 89 -26.81 -21.39 7.99
N ALA D 90 -26.98 -20.08 8.23
CA ALA D 90 -28.29 -19.53 8.52
C ALA D 90 -28.98 -18.92 7.31
N GLY D 91 -28.24 -18.64 6.23
CA GLY D 91 -28.86 -18.04 5.06
C GLY D 91 -27.83 -17.28 4.25
N SER D 92 -28.33 -16.46 3.32
CA SER D 92 -27.48 -15.69 2.42
C SER D 92 -27.99 -14.26 2.32
N THR D 93 -27.10 -13.38 1.90
CA THR D 93 -27.42 -11.99 1.63
C THR D 93 -26.55 -11.52 0.47
N SER D 94 -27.06 -10.58 -0.31
CA SER D 94 -26.36 -10.15 -1.51
C SER D 94 -26.61 -8.67 -1.76
N CYS D 95 -25.66 -8.02 -2.44
CA CYS D 95 -25.83 -6.67 -2.92
C CYS D 95 -24.91 -6.47 -4.12
N GLN D 96 -25.12 -5.37 -4.84
CA GLN D 96 -24.34 -5.09 -6.04
C GLN D 96 -24.24 -3.59 -6.25
N ALA D 97 -23.29 -3.20 -7.10
CA ALA D 97 -23.11 -1.80 -7.50
C ALA D 97 -22.38 -1.79 -8.83
N HIS D 98 -22.32 -0.61 -9.44
CA HIS D 98 -21.75 -0.46 -10.78
C HIS D 98 -20.42 0.27 -10.71
N LEU D 99 -19.49 -0.11 -11.57
CA LEU D 99 -18.21 0.58 -11.72
C LEU D 99 -18.11 1.11 -13.14
N GLN D 100 -17.92 2.42 -13.27
CA GLN D 100 -17.72 3.07 -14.56
C GLN D 100 -16.29 3.57 -14.64
N VAL D 101 -15.48 2.91 -15.45
CA VAL D 101 -14.12 3.35 -15.75
C VAL D 101 -14.21 4.29 -16.96
N GLU D 102 -13.89 5.55 -16.75
CA GLU D 102 -13.99 6.55 -17.81
C GLU D 102 -12.65 6.66 -18.53
N ARG D 103 -12.69 6.63 -19.87
CA ARG D 103 -11.49 6.75 -20.67
C ARG D 103 -11.00 8.20 -20.70
N LEU D 104 -9.73 8.37 -21.06
CA LEU D 104 -9.12 9.70 -21.15
C LEU D 104 -9.41 10.35 -22.50
#